data_4YQ6
#
_entry.id   4YQ6
#
_cell.length_a   94.241
_cell.length_b   94.241
_cell.length_c   178.729
_cell.angle_alpha   90.000
_cell.angle_beta   90.000
_cell.angle_gamma   120.000
#
_symmetry.space_group_name_H-M   'H 3 2'
#
loop_
_entity.id
_entity.type
_entity.pdbx_description
1 polymer 'tRNA (guanine-N(1)-)-methyltransferase'
2 non-polymer 6-[(2-methoxybenzyl)amino]pyridine-3-carboxamide
3 water water
#
_entity_poly.entity_id   1
_entity_poly.type   'polypeptide(L)'
_entity_poly.pdbx_seq_one_letter_code
;GLVPRGSHMWIGVISLFPEMFKAITEFGVTGRAVKHNLLKVECWNPRDFTFDKHKTVDDRPYGGGPGMLMMVQPLRDAIH
TAKAAAGEGAKVIYLSPQGRKLDQGGVTELAQNQKLILVCGRYEGIDERLIQTEIDEEWSIGDYVLTGGELPAMTLIDAV
ARFIPGVLGKQASAEEDSFADGLLDCPHYTRPEVLEGLTVPPVLMSGHHEEIRKWRLKQSLQRTWLRRPELLEGLALTDE
QRKLLKEAQAEHNS
;
_entity_poly.pdbx_strand_id   A
#
# COMPACT_ATOMS: atom_id res chain seq x y z
N GLY A 6 -6.66 15.05 -13.88
CA GLY A 6 -6.17 14.10 -14.87
C GLY A 6 -6.69 12.70 -14.57
N SER A 7 -5.78 11.80 -14.24
CA SER A 7 -6.12 10.41 -13.92
C SER A 7 -6.46 10.26 -12.43
N HIS A 8 -7.46 11.03 -12.00
CA HIS A 8 -7.85 11.02 -10.60
C HIS A 8 -8.37 9.64 -10.22
N MET A 9 -8.40 9.39 -8.91
CA MET A 9 -8.77 8.10 -8.38
C MET A 9 -9.84 8.28 -7.32
N TRP A 10 -10.84 7.41 -7.35
CA TRP A 10 -11.90 7.40 -6.34
C TRP A 10 -11.77 6.10 -5.57
N ILE A 11 -11.75 6.20 -4.25
CA ILE A 11 -11.62 5.03 -3.38
C ILE A 11 -12.74 5.07 -2.36
N GLY A 12 -13.65 4.11 -2.46
CA GLY A 12 -14.66 3.91 -1.44
C GLY A 12 -14.11 2.96 -0.38
N VAL A 13 -14.48 3.23 0.87
CA VAL A 13 -13.96 2.47 2.00
C VAL A 13 -15.13 2.02 2.86
N ILE A 14 -15.14 0.75 3.25
CA ILE A 14 -16.11 0.21 4.19
C ILE A 14 -15.36 -0.06 5.48
N SER A 15 -15.71 0.64 6.55
CA SER A 15 -14.93 0.55 7.78
C SER A 15 -15.78 0.94 8.97
N LEU A 16 -15.60 0.20 10.08
CA LEU A 16 -16.21 0.56 11.36
C LEU A 16 -15.55 1.77 12.02
N PHE A 17 -14.41 2.23 11.52
CA PHE A 17 -13.68 3.35 12.10
C PHE A 17 -13.26 4.33 11.01
N PRO A 18 -14.22 4.97 10.34
CA PRO A 18 -13.87 5.87 9.23
C PRO A 18 -12.94 7.01 9.64
N GLU A 19 -12.97 7.42 10.91
CA GLU A 19 -12.12 8.52 11.35
C GLU A 19 -10.64 8.17 11.30
N MET A 20 -10.27 6.88 11.30
CA MET A 20 -8.88 6.52 11.12
C MET A 20 -8.31 7.07 9.81
N PHE A 21 -9.17 7.20 8.80
CA PHE A 21 -8.71 7.62 7.48
C PHE A 21 -8.35 9.10 7.41
N LYS A 22 -8.67 9.88 8.46
CA LYS A 22 -8.14 11.23 8.53
C LYS A 22 -6.62 11.25 8.48
N ALA A 23 -5.98 10.16 8.91
CA ALA A 23 -4.51 10.11 8.89
C ALA A 23 -3.98 10.30 7.47
N ILE A 24 -4.71 9.85 6.45
CA ILE A 24 -4.25 10.05 5.08
C ILE A 24 -4.98 11.21 4.41
N THR A 25 -6.24 11.46 4.77
CA THR A 25 -6.98 12.51 4.06
C THR A 25 -6.66 13.91 4.55
N GLU A 26 -6.06 14.05 5.73
CA GLU A 26 -5.85 15.37 6.32
C GLU A 26 -4.40 15.82 6.38
N PHE A 27 -3.44 14.99 5.96
CA PHE A 27 -2.04 15.28 6.23
C PHE A 27 -1.15 14.89 5.05
N GLY A 28 -0.08 15.65 4.87
CA GLY A 28 0.99 15.26 3.98
C GLY A 28 0.60 15.24 2.51
N VAL A 29 1.33 14.42 1.75
CA VAL A 29 1.15 14.34 0.31
C VAL A 29 -0.25 13.83 -0.03
N THR A 30 -0.74 12.83 0.72
CA THR A 30 -2.08 12.31 0.43
C THR A 30 -3.16 13.33 0.80
N GLY A 31 -2.94 14.08 1.89
CA GLY A 31 -3.91 15.11 2.24
C GLY A 31 -4.00 16.19 1.19
N ARG A 32 -2.85 16.57 0.61
CA ARG A 32 -2.86 17.50 -0.51
C ARG A 32 -3.57 16.90 -1.72
N ALA A 33 -3.31 15.63 -2.02
CA ALA A 33 -4.00 14.98 -3.14
C ALA A 33 -5.51 15.03 -2.97
N VAL A 34 -6.00 14.81 -1.75
CA VAL A 34 -7.43 14.90 -1.50
C VAL A 34 -7.92 16.33 -1.66
N LYS A 35 -7.19 17.30 -1.11
CA LYS A 35 -7.58 18.70 -1.22
C LYS A 35 -7.67 19.13 -2.68
N HIS A 36 -6.74 18.68 -3.52
CA HIS A 36 -6.68 19.07 -4.92
C HIS A 36 -7.58 18.23 -5.82
N ASN A 37 -8.38 17.33 -5.26
CA ASN A 37 -9.31 16.49 -6.00
C ASN A 37 -8.60 15.49 -6.92
N LEU A 38 -7.34 15.17 -6.67
CA LEU A 38 -6.69 14.08 -7.38
C LEU A 38 -7.10 12.73 -6.81
N LEU A 39 -7.47 12.72 -5.53
CA LEU A 39 -7.84 11.51 -4.82
C LEU A 39 -9.10 11.82 -4.04
N LYS A 40 -10.08 10.93 -4.12
CA LYS A 40 -11.32 11.07 -3.36
C LYS A 40 -11.48 9.81 -2.53
N VAL A 41 -11.61 9.97 -1.22
CA VAL A 41 -11.81 8.84 -0.32
C VAL A 41 -13.16 9.02 0.37
N GLU A 42 -14.06 8.07 0.19
CA GLU A 42 -15.42 8.14 0.71
C GLU A 42 -15.66 6.88 1.54
N CYS A 43 -16.14 7.06 2.77
CA CYS A 43 -16.27 5.95 3.72
C CYS A 43 -17.74 5.67 4.03
N TRP A 44 -18.07 4.39 4.13
CA TRP A 44 -19.36 3.92 4.63
C TRP A 44 -19.10 3.04 5.85
N ASN A 45 -19.87 3.27 6.92
CA ASN A 45 -19.68 2.58 8.19
C ASN A 45 -20.80 1.57 8.38
N PRO A 46 -20.51 0.27 8.44
CA PRO A 46 -21.57 -0.72 8.68
C PRO A 46 -22.46 -0.41 9.86
N ARG A 47 -21.94 0.30 10.87
CA ARG A 47 -22.76 0.66 12.02
C ARG A 47 -23.98 1.48 11.60
N ASP A 48 -23.85 2.27 10.53
CA ASP A 48 -24.97 3.07 10.05
C ASP A 48 -26.03 2.24 9.33
N PHE A 49 -25.73 0.98 9.02
CA PHE A 49 -26.65 0.10 8.32
C PHE A 49 -27.29 -0.92 9.24
N THR A 50 -27.10 -0.80 10.55
CA THR A 50 -27.76 -1.67 11.50
C THR A 50 -29.16 -1.14 11.80
N PHE A 51 -29.99 -2.02 12.35
CA PHE A 51 -31.35 -1.65 12.72
C PHE A 51 -31.69 -1.93 14.17
N ASP A 52 -30.85 -2.64 14.92
CA ASP A 52 -31.17 -2.91 16.31
C ASP A 52 -30.74 -1.73 17.18
N LYS A 53 -31.24 -1.72 18.41
CA LYS A 53 -31.02 -0.58 19.29
C LYS A 53 -29.54 -0.36 19.57
N HIS A 54 -28.78 -1.43 19.73
CA HIS A 54 -27.37 -1.33 20.09
C HIS A 54 -26.43 -1.31 18.89
N LYS A 55 -26.95 -1.22 17.67
CA LYS A 55 -26.13 -1.05 16.47
C LYS A 55 -25.06 -2.13 16.35
N THR A 56 -25.50 -3.39 16.41
CA THR A 56 -24.59 -4.52 16.48
C THR A 56 -23.94 -4.78 15.13
N VAL A 57 -22.61 -4.90 15.12
CA VAL A 57 -21.85 -5.09 13.90
C VAL A 57 -21.01 -6.36 13.90
N ASP A 58 -21.04 -7.15 14.97
CA ASP A 58 -20.32 -8.41 15.03
C ASP A 58 -21.31 -9.56 15.22
N ASP A 59 -20.83 -10.78 14.98
CA ASP A 59 -21.67 -11.96 15.06
C ASP A 59 -20.78 -13.17 15.36
N ARG A 60 -21.41 -14.23 15.88
CA ARG A 60 -20.65 -15.40 16.32
C ARG A 60 -20.44 -16.37 15.16
N PRO A 61 -19.25 -16.97 15.06
CA PRO A 61 -19.00 -17.91 13.96
C PRO A 61 -19.72 -19.22 14.22
N TYR A 62 -20.28 -19.79 13.16
CA TYR A 62 -20.76 -21.17 13.25
C TYR A 62 -19.59 -22.08 13.60
N GLY A 63 -19.85 -23.07 14.44
CA GLY A 63 -18.81 -23.99 14.87
C GLY A 63 -18.05 -23.59 16.10
N GLY A 64 -18.40 -22.46 16.72
CA GLY A 64 -17.73 -22.02 17.93
C GLY A 64 -16.37 -21.40 17.65
N GLY A 65 -15.64 -21.18 18.73
CA GLY A 65 -14.34 -20.56 18.63
C GLY A 65 -14.24 -19.33 19.50
N PRO A 66 -13.03 -18.79 19.63
CA PRO A 66 -12.83 -17.62 20.50
C PRO A 66 -13.28 -16.33 19.85
N GLY A 67 -13.11 -16.23 18.52
CA GLY A 67 -13.29 -14.97 17.84
C GLY A 67 -14.71 -14.70 17.39
N MET A 68 -14.90 -13.49 16.87
CA MET A 68 -16.14 -13.05 16.27
C MET A 68 -15.89 -12.73 14.80
N LEU A 69 -16.97 -12.58 14.05
CA LEU A 69 -16.89 -12.12 12.68
C LEU A 69 -17.69 -10.83 12.54
N MET A 70 -17.46 -10.13 11.44
CA MET A 70 -18.34 -9.02 11.11
CA MET A 70 -18.34 -9.03 11.07
C MET A 70 -19.73 -9.56 10.79
N MET A 71 -20.74 -8.87 11.28
CA MET A 71 -22.11 -9.27 11.01
C MET A 71 -22.43 -9.05 9.53
N VAL A 72 -23.08 -10.03 8.92
CA VAL A 72 -23.26 -10.04 7.47
C VAL A 72 -24.15 -8.89 7.01
N GLN A 73 -25.35 -8.76 7.59
CA GLN A 73 -26.33 -7.81 7.06
C GLN A 73 -25.82 -6.36 7.01
N PRO A 74 -25.32 -5.77 8.11
CA PRO A 74 -24.85 -4.38 7.99
C PRO A 74 -23.70 -4.23 7.02
N LEU A 75 -22.77 -5.18 7.02
CA LEU A 75 -21.61 -5.09 6.13
C LEU A 75 -22.04 -5.23 4.67
N ARG A 76 -22.90 -6.21 4.38
CA ARG A 76 -23.39 -6.40 3.03
C ARG A 76 -24.11 -5.16 2.52
N ASP A 77 -24.98 -4.56 3.34
CA ASP A 77 -25.69 -3.36 2.92
C ASP A 77 -24.74 -2.21 2.68
N ALA A 78 -23.71 -2.06 3.51
CA ALA A 78 -22.73 -1.00 3.30
C ALA A 78 -21.98 -1.19 1.98
N ILE A 79 -21.58 -2.43 1.68
CA ILE A 79 -20.89 -2.72 0.43
C ILE A 79 -21.77 -2.37 -0.76
N HIS A 80 -23.04 -2.80 -0.72
CA HIS A 80 -23.96 -2.52 -1.82
C HIS A 80 -24.13 -1.03 -2.04
N THR A 81 -24.18 -0.25 -0.94
CA THR A 81 -24.31 1.20 -1.06
C THR A 81 -23.07 1.80 -1.71
N ALA A 82 -21.88 1.35 -1.31
CA ALA A 82 -20.66 1.87 -1.92
C ALA A 82 -20.59 1.51 -3.40
N LYS A 83 -21.00 0.29 -3.75
CA LYS A 83 -21.01 -0.11 -5.16
C LYS A 83 -21.96 0.78 -5.97
N ALA A 84 -23.12 1.11 -5.40
CA ALA A 84 -24.06 1.98 -6.09
C ALA A 84 -23.49 3.38 -6.27
N ALA A 85 -22.78 3.89 -5.27
CA ALA A 85 -22.14 5.20 -5.41
C ALA A 85 -21.01 5.17 -6.42
N ALA A 86 -20.35 4.02 -6.58
CA ALA A 86 -19.19 3.94 -7.46
C ALA A 86 -19.59 3.84 -8.92
N GLY A 87 -20.76 3.27 -9.22
CA GLY A 87 -21.09 3.00 -10.59
C GLY A 87 -20.30 1.80 -11.10
N GLU A 88 -20.27 1.67 -12.43
CA GLU A 88 -19.62 0.53 -13.04
C GLU A 88 -18.12 0.72 -13.11
N GLY A 89 -17.40 -0.40 -13.13
CA GLY A 89 -15.96 -0.40 -13.28
C GLY A 89 -15.17 -0.41 -11.98
N ALA A 90 -15.83 -0.36 -10.83
CA ALA A 90 -15.12 -0.37 -9.55
C ALA A 90 -14.73 -1.80 -9.18
N LYS A 91 -13.49 -1.97 -8.75
CA LYS A 91 -12.98 -3.26 -8.27
C LYS A 91 -13.05 -3.27 -6.75
N VAL A 92 -13.63 -4.33 -6.19
CA VAL A 92 -13.84 -4.44 -4.74
C VAL A 92 -12.73 -5.31 -4.17
N ILE A 93 -11.99 -4.76 -3.20
CA ILE A 93 -10.78 -5.39 -2.66
C ILE A 93 -10.99 -5.64 -1.17
N TYR A 94 -10.66 -6.85 -0.73
CA TYR A 94 -10.72 -7.21 0.68
C TYR A 94 -9.28 -7.38 1.19
N LEU A 95 -8.96 -6.69 2.29
CA LEU A 95 -7.61 -6.77 2.86
C LEU A 95 -7.61 -7.82 3.96
N SER A 96 -6.75 -8.82 3.82
CA SER A 96 -6.68 -9.88 4.83
C SER A 96 -5.30 -10.52 4.76
N PRO A 97 -4.89 -11.22 5.81
CA PRO A 97 -3.65 -12.01 5.73
C PRO A 97 -3.72 -13.15 4.72
N GLN A 98 -4.92 -13.58 4.33
CA GLN A 98 -5.06 -14.68 3.38
C GLN A 98 -4.94 -14.22 1.93
N GLY A 99 -4.71 -12.94 1.67
CA GLY A 99 -4.76 -12.40 0.33
C GLY A 99 -3.44 -12.46 -0.41
N ARG A 100 -3.48 -12.03 -1.66
CA ARG A 100 -2.28 -11.91 -2.48
C ARG A 100 -1.35 -10.86 -1.87
N LYS A 101 -0.07 -11.21 -1.75
CA LYS A 101 0.89 -10.34 -1.09
C LYS A 101 1.17 -9.10 -1.95
N LEU A 102 0.97 -7.93 -1.35
CA LEU A 102 1.21 -6.68 -2.06
C LEU A 102 2.69 -6.42 -2.24
N ASP A 103 3.09 -6.01 -3.44
CA ASP A 103 4.42 -5.50 -3.71
C ASP A 103 4.28 -4.33 -4.69
N GLN A 104 5.40 -3.66 -4.99
CA GLN A 104 5.34 -2.48 -5.83
C GLN A 104 4.76 -2.79 -7.21
N GLY A 105 5.04 -3.97 -7.74
CA GLY A 105 4.39 -4.37 -8.98
C GLY A 105 2.88 -4.48 -8.82
N GLY A 106 2.44 -5.06 -7.71
CA GLY A 106 1.01 -5.13 -7.45
C GLY A 106 0.37 -3.78 -7.23
N VAL A 107 1.12 -2.85 -6.63
CA VAL A 107 0.62 -1.48 -6.47
C VAL A 107 0.36 -0.85 -7.83
N THR A 108 1.31 -0.99 -8.75
CA THR A 108 1.12 -0.43 -10.09
C THR A 108 -0.07 -1.04 -10.81
N GLU A 109 -0.34 -2.33 -10.57
CA GLU A 109 -1.53 -2.96 -11.16
C GLU A 109 -2.81 -2.36 -10.57
N LEU A 110 -2.88 -2.25 -9.25
CA LEU A 110 -4.07 -1.67 -8.62
C LEU A 110 -4.26 -0.21 -9.00
N ALA A 111 -3.18 0.52 -9.21
CA ALA A 111 -3.28 1.93 -9.58
C ALA A 111 -3.88 2.14 -10.96
N GLN A 112 -3.98 1.09 -11.78
CA GLN A 112 -4.63 1.20 -13.08
C GLN A 112 -6.13 1.37 -12.97
N ASN A 113 -6.71 1.09 -11.81
CA ASN A 113 -8.15 1.23 -11.60
C ASN A 113 -8.47 2.67 -11.25
N GLN A 114 -9.47 3.22 -11.92
CA GLN A 114 -9.95 4.56 -11.57
C GLN A 114 -10.84 4.54 -10.34
N LYS A 115 -11.46 3.39 -10.04
CA LYS A 115 -12.34 3.25 -8.89
C LYS A 115 -11.98 1.99 -8.13
N LEU A 116 -11.84 2.11 -6.82
CA LEU A 116 -11.63 0.98 -5.93
C LEU A 116 -12.59 1.08 -4.76
N ILE A 117 -13.03 -0.08 -4.27
CA ILE A 117 -13.74 -0.18 -3.01
C ILE A 117 -12.93 -1.10 -2.10
N LEU A 118 -12.57 -0.60 -0.93
CA LEU A 118 -11.73 -1.35 0.00
C LEU A 118 -12.58 -1.72 1.22
N VAL A 119 -12.69 -3.02 1.47
CA VAL A 119 -13.49 -3.53 2.58
C VAL A 119 -12.54 -3.84 3.73
N CYS A 120 -12.76 -3.19 4.88
CA CYS A 120 -11.86 -3.32 6.03
C CYS A 120 -12.50 -4.24 7.05
N GLY A 121 -11.95 -5.45 7.17
CA GLY A 121 -12.46 -6.37 8.16
C GLY A 121 -11.91 -6.09 9.54
N ARG A 122 -12.73 -6.38 10.55
CA ARG A 122 -12.32 -6.38 11.95
C ARG A 122 -12.61 -7.77 12.50
N TYR A 123 -12.27 -7.97 13.77
CA TYR A 123 -12.48 -9.28 14.45
C TYR A 123 -11.70 -10.33 13.65
N GLU A 124 -12.28 -11.50 13.38
CA GLU A 124 -11.61 -12.50 12.56
C GLU A 124 -11.94 -12.38 11.08
N GLY A 125 -12.52 -11.25 10.67
CA GLY A 125 -12.80 -11.02 9.27
C GLY A 125 -14.27 -11.18 8.95
N ILE A 126 -14.54 -11.46 7.67
CA ILE A 126 -15.89 -11.50 7.15
C ILE A 126 -16.26 -12.93 6.74
N ASP A 127 -17.56 -13.15 6.56
CA ASP A 127 -18.08 -14.45 6.15
C ASP A 127 -17.52 -14.84 4.80
N GLU A 128 -17.08 -16.10 4.69
CA GLU A 128 -16.48 -16.58 3.44
C GLU A 128 -17.40 -16.39 2.23
N ARG A 129 -18.72 -16.48 2.44
CA ARG A 129 -19.64 -16.33 1.31
C ARG A 129 -19.69 -14.90 0.80
N LEU A 130 -19.42 -13.92 1.66
CA LEU A 130 -19.34 -12.53 1.20
C LEU A 130 -18.11 -12.32 0.33
N ILE A 131 -17.01 -13.00 0.64
CA ILE A 131 -15.86 -12.95 -0.26
C ILE A 131 -16.25 -13.50 -1.63
N GLN A 132 -17.00 -14.60 -1.64
CA GLN A 132 -17.40 -15.20 -2.91
C GLN A 132 -18.37 -14.31 -3.68
N THR A 133 -19.30 -13.65 -2.99
CA THR A 133 -20.35 -12.92 -3.68
C THR A 133 -20.05 -11.44 -3.90
N GLU A 134 -19.20 -10.83 -3.08
CA GLU A 134 -19.02 -9.39 -3.13
C GLU A 134 -17.61 -8.92 -3.45
N ILE A 135 -16.59 -9.74 -3.23
CA ILE A 135 -15.20 -9.30 -3.31
C ILE A 135 -14.61 -9.73 -4.65
N ASP A 136 -13.94 -8.79 -5.33
CA ASP A 136 -13.26 -9.13 -6.57
C ASP A 136 -11.88 -9.73 -6.32
N GLU A 137 -11.09 -9.10 -5.45
CA GLU A 137 -9.72 -9.53 -5.19
C GLU A 137 -9.42 -9.40 -3.70
N GLU A 138 -8.63 -10.35 -3.18
CA GLU A 138 -8.21 -10.36 -1.79
C GLU A 138 -6.70 -10.14 -1.75
N TRP A 139 -6.26 -9.11 -1.02
CA TRP A 139 -4.85 -8.73 -0.96
C TRP A 139 -4.38 -8.65 0.49
N SER A 140 -3.09 -8.90 0.68
CA SER A 140 -2.42 -8.73 1.97
C SER A 140 -1.28 -7.72 1.81
N ILE A 141 -1.09 -6.87 2.82
CA ILE A 141 0.05 -5.95 2.79
C ILE A 141 1.33 -6.58 3.34
N GLY A 142 1.25 -7.77 3.90
CA GLY A 142 2.41 -8.42 4.47
C GLY A 142 2.00 -9.60 5.32
N ASP A 143 2.95 -10.48 5.65
CA ASP A 143 2.66 -11.70 6.41
C ASP A 143 2.68 -11.41 7.90
N TYR A 144 1.74 -10.59 8.34
CA TYR A 144 1.54 -10.29 9.75
C TYR A 144 0.07 -9.99 9.98
N VAL A 145 -0.35 -10.05 11.24
CA VAL A 145 -1.75 -9.93 11.61
C VAL A 145 -1.95 -8.65 12.39
N LEU A 146 -3.01 -7.92 12.05
CA LEU A 146 -3.35 -6.64 12.65
C LEU A 146 -4.76 -6.69 13.22
N THR A 147 -5.13 -5.63 13.95
CA THR A 147 -6.45 -5.57 14.58
C THR A 147 -7.54 -5.14 13.62
N GLY A 148 -7.19 -4.72 12.40
CA GLY A 148 -8.21 -4.35 11.43
C GLY A 148 -7.58 -4.16 10.07
N GLY A 149 -8.45 -4.15 9.06
CA GLY A 149 -7.98 -3.87 7.71
C GLY A 149 -7.77 -2.40 7.41
N GLU A 150 -8.01 -1.51 8.37
CA GLU A 150 -7.93 -0.08 8.10
C GLU A 150 -6.50 0.36 7.76
N LEU A 151 -5.53 -0.05 8.59
CA LEU A 151 -4.13 0.26 8.27
C LEU A 151 -3.70 -0.33 6.94
N PRO A 152 -4.01 -1.59 6.62
CA PRO A 152 -3.72 -2.07 5.26
C PRO A 152 -4.39 -1.25 4.17
N ALA A 153 -5.65 -0.86 4.37
CA ALA A 153 -6.34 -0.05 3.37
C ALA A 153 -5.67 1.30 3.18
N MET A 154 -5.26 1.93 4.28
CA MET A 154 -4.58 3.21 4.16
C MET A 154 -3.21 3.06 3.50
N THR A 155 -2.51 1.99 3.81
CA THR A 155 -1.24 1.71 3.18
C THR A 155 -1.41 1.56 1.67
N LEU A 156 -2.43 0.80 1.25
CA LEU A 156 -2.70 0.64 -0.18
C LEU A 156 -3.04 1.98 -0.82
N ILE A 157 -3.89 2.79 -0.17
CA ILE A 157 -4.28 4.08 -0.73
C ILE A 157 -3.04 4.95 -0.92
N ASP A 158 -2.18 5.01 0.09
CA ASP A 158 -0.98 5.83 0.00
C ASP A 158 -0.07 5.36 -1.13
N ALA A 159 0.13 4.05 -1.24
CA ALA A 159 1.01 3.52 -2.27
C ALA A 159 0.47 3.80 -3.68
N VAL A 160 -0.83 3.58 -3.89
CA VAL A 160 -1.38 3.84 -5.23
C VAL A 160 -1.46 5.32 -5.52
N ALA A 161 -1.65 6.16 -4.49
CA ALA A 161 -1.75 7.60 -4.71
C ALA A 161 -0.46 8.16 -5.31
N ARG A 162 0.69 7.55 -5.02
CA ARG A 162 1.95 8.05 -5.55
C ARG A 162 2.03 7.93 -7.06
N PHE A 163 1.17 7.11 -7.68
CA PHE A 163 1.16 6.94 -9.13
C PHE A 163 0.14 7.84 -9.82
N ILE A 164 -0.61 8.63 -9.07
CA ILE A 164 -1.57 9.57 -9.67
C ILE A 164 -0.80 10.80 -10.12
N PRO A 165 -0.91 11.20 -11.40
CA PRO A 165 -0.13 12.35 -11.87
C PRO A 165 -0.50 13.61 -11.11
N GLY A 166 0.54 14.32 -10.65
CA GLY A 166 0.37 15.53 -9.89
C GLY A 166 0.46 15.35 -8.39
N VAL A 167 0.39 14.12 -7.89
CA VAL A 167 0.43 13.89 -6.45
C VAL A 167 1.83 14.15 -5.91
N LEU A 168 2.84 13.56 -6.53
CA LEU A 168 4.22 13.82 -6.13
C LEU A 168 4.70 15.14 -6.69
N GLY A 169 5.78 15.65 -6.11
CA GLY A 169 6.38 16.89 -6.56
C GLY A 169 7.15 16.73 -7.86
N ASP A 181 13.38 0.60 -10.02
CA ASP A 181 13.87 -0.31 -11.05
C ASP A 181 14.23 -1.66 -10.45
N GLY A 182 13.53 -2.05 -9.40
CA GLY A 182 13.70 -3.34 -8.78
C GLY A 182 14.82 -3.42 -7.76
N LEU A 183 15.57 -2.35 -7.55
CA LEU A 183 16.70 -2.33 -6.63
C LEU A 183 16.36 -1.48 -5.41
N LEU A 184 17.05 -1.77 -4.30
CA LEU A 184 17.00 -0.91 -3.13
C LEU A 184 17.68 0.41 -3.43
N ASP A 185 17.27 1.44 -2.70
CA ASP A 185 17.83 2.77 -2.93
C ASP A 185 19.27 2.86 -2.42
N CYS A 186 20.03 3.79 -3.01
CA CYS A 186 21.39 4.05 -2.58
C CYS A 186 21.38 4.91 -1.32
N PRO A 187 22.50 4.99 -0.60
CA PRO A 187 22.58 5.92 0.55
C PRO A 187 22.50 7.36 0.07
N HIS A 188 21.88 8.19 0.91
CA HIS A 188 21.74 9.61 0.64
C HIS A 188 22.35 10.41 1.78
N TYR A 189 22.89 11.59 1.45
CA TYR A 189 23.57 12.46 2.40
C TYR A 189 23.09 13.89 2.20
N THR A 190 23.01 14.62 3.31
CA THR A 190 22.72 16.06 3.28
C THR A 190 23.66 16.74 4.29
N ARG A 191 23.49 18.04 4.47
CA ARG A 191 24.32 18.78 5.42
C ARG A 191 24.18 18.17 6.81
N PRO A 192 25.25 18.18 7.64
CA PRO A 192 26.50 18.85 7.27
C PRO A 192 27.51 17.93 6.59
N GLU A 193 28.64 18.51 6.17
CA GLU A 193 29.63 17.75 5.44
C GLU A 193 30.27 16.66 6.29
N VAL A 194 30.38 16.88 7.60
CA VAL A 194 30.90 15.89 8.53
C VAL A 194 29.90 15.76 9.67
N LEU A 195 29.57 14.53 10.06
CA LEU A 195 28.58 14.27 11.08
C LEU A 195 29.11 13.15 11.97
N GLU A 196 29.48 13.50 13.20
CA GLU A 196 30.11 12.56 14.13
C GLU A 196 31.31 11.85 13.49
N GLY A 197 32.14 12.62 12.82
CA GLY A 197 33.33 12.10 12.17
C GLY A 197 33.09 11.46 10.81
N LEU A 198 31.85 11.22 10.43
CA LEU A 198 31.52 10.57 9.16
C LEU A 198 31.38 11.61 8.07
N THR A 199 32.12 11.43 6.99
CA THR A 199 32.15 12.39 5.89
C THR A 199 31.24 11.92 4.76
N VAL A 200 30.90 12.86 3.88
CA VAL A 200 30.12 12.58 2.69
C VAL A 200 31.07 12.03 1.63
N PRO A 201 30.71 10.98 0.90
CA PRO A 201 31.55 10.48 -0.20
C PRO A 201 31.93 11.61 -1.14
N PRO A 202 33.23 11.80 -1.38
CA PRO A 202 33.68 12.95 -2.19
C PRO A 202 33.04 13.06 -3.56
N VAL A 203 32.70 11.93 -4.19
CA VAL A 203 32.07 11.97 -5.51
C VAL A 203 30.79 12.80 -5.49
N LEU A 204 30.02 12.74 -4.40
CA LEU A 204 28.78 13.50 -4.34
C LEU A 204 29.01 15.01 -4.29
N MET A 205 30.23 15.44 -3.95
CA MET A 205 30.60 16.86 -3.98
C MET A 205 31.21 17.28 -5.30
N SER A 206 31.57 16.32 -6.16
CA SER A 206 32.35 16.64 -7.35
C SER A 206 31.55 17.43 -8.37
N GLY A 207 30.23 17.30 -8.36
CA GLY A 207 29.42 17.91 -9.40
C GLY A 207 29.47 17.20 -10.73
N HIS A 208 30.15 16.05 -10.81
CA HIS A 208 30.23 15.28 -12.05
C HIS A 208 29.02 14.36 -12.10
N HIS A 209 27.99 14.78 -12.86
CA HIS A 209 26.70 14.11 -12.82
C HIS A 209 26.79 12.65 -13.26
N GLU A 210 27.67 12.35 -14.23
CA GLU A 210 27.77 10.98 -14.69
C GLU A 210 28.43 10.08 -13.65
N GLU A 211 29.47 10.59 -12.98
CA GLU A 211 30.09 9.81 -11.91
C GLU A 211 29.13 9.60 -10.75
N ILE A 212 28.33 10.61 -10.43
CA ILE A 212 27.35 10.50 -9.36
C ILE A 212 26.29 9.45 -9.71
N ARG A 213 25.81 9.47 -10.95
CA ARG A 213 24.81 8.49 -11.37
C ARG A 213 25.35 7.07 -11.25
N LYS A 214 26.59 6.85 -11.72
CA LYS A 214 27.17 5.52 -11.64
C LYS A 214 27.42 5.11 -10.20
N TRP A 215 27.92 6.02 -9.37
CA TRP A 215 28.13 5.72 -7.96
C TRP A 215 26.82 5.28 -7.29
N ARG A 216 25.74 6.04 -7.52
CA ARG A 216 24.47 5.72 -6.90
C ARG A 216 23.94 4.38 -7.39
N LEU A 217 24.03 4.12 -8.69
CA LEU A 217 23.59 2.83 -9.22
C LEU A 217 24.41 1.69 -8.64
N LYS A 218 25.72 1.86 -8.57
CA LYS A 218 26.59 0.82 -8.00
C LYS A 218 26.24 0.56 -6.54
N GLN A 219 25.97 1.63 -5.78
CA GLN A 219 25.58 1.47 -4.38
C GLN A 219 24.24 0.74 -4.26
N SER A 220 23.28 1.07 -5.13
CA SER A 220 22.00 0.38 -5.11
C SER A 220 22.17 -1.10 -5.40
N LEU A 221 23.02 -1.43 -6.37
CA LEU A 221 23.29 -2.82 -6.68
C LEU A 221 23.97 -3.53 -5.52
N GLN A 222 24.98 -2.90 -4.93
CA GLN A 222 25.67 -3.52 -3.79
C GLN A 222 24.72 -3.72 -2.62
N ARG A 223 23.88 -2.73 -2.34
CA ARG A 223 22.96 -2.84 -1.21
C ARG A 223 21.91 -3.92 -1.44
N THR A 224 21.38 -4.01 -2.66
CA THR A 224 20.42 -5.08 -2.95
C THR A 224 21.08 -6.44 -2.81
N TRP A 225 22.30 -6.58 -3.32
CA TRP A 225 23.03 -7.84 -3.21
C TRP A 225 23.27 -8.24 -1.76
N LEU A 226 23.70 -7.29 -0.92
CA LEU A 226 24.03 -7.62 0.46
C LEU A 226 22.78 -7.87 1.31
N ARG A 227 21.71 -7.10 1.08
CA ARG A 227 20.54 -7.13 1.97
C ARG A 227 19.41 -8.01 1.45
N ARG A 228 19.17 -8.00 0.13
CA ARG A 228 18.01 -8.68 -0.45
C ARG A 228 18.44 -9.39 -1.72
N PRO A 229 19.36 -10.36 -1.61
CA PRO A 229 19.90 -11.00 -2.83
C PRO A 229 18.84 -11.63 -3.71
N GLU A 230 17.73 -12.06 -3.13
CA GLU A 230 16.67 -12.67 -3.92
C GLU A 230 16.02 -11.69 -4.88
N LEU A 231 16.06 -10.38 -4.57
CA LEU A 231 15.54 -9.40 -5.51
C LEU A 231 16.34 -9.36 -6.80
N LEU A 232 17.64 -9.62 -6.73
CA LEU A 232 18.48 -9.63 -7.92
C LEU A 232 18.13 -10.78 -8.85
N GLU A 233 17.67 -11.91 -8.29
CA GLU A 233 17.36 -13.07 -9.12
C GLU A 233 16.18 -12.80 -10.05
N GLY A 234 15.25 -11.95 -9.63
CA GLY A 234 14.12 -11.62 -10.47
C GLY A 234 14.38 -10.56 -11.51
N LEU A 235 15.62 -10.10 -11.64
CA LEU A 235 15.97 -9.01 -12.54
C LEU A 235 16.86 -9.50 -13.67
N ALA A 236 16.68 -8.87 -14.83
CA ALA A 236 17.59 -9.03 -15.97
C ALA A 236 18.43 -7.77 -16.00
N LEU A 237 19.64 -7.86 -15.43
CA LEU A 237 20.47 -6.66 -15.27
C LEU A 237 20.97 -6.16 -16.61
N THR A 238 21.01 -4.84 -16.75
CA THR A 238 21.59 -4.28 -17.95
C THR A 238 23.10 -4.52 -17.97
N ASP A 239 23.69 -4.28 -19.14
CA ASP A 239 25.13 -4.36 -19.29
C ASP A 239 25.84 -3.51 -18.24
N GLU A 240 25.38 -2.27 -18.07
CA GLU A 240 26.01 -1.38 -17.10
C GLU A 240 25.85 -1.91 -15.68
N GLN A 241 24.66 -2.43 -15.36
CA GLN A 241 24.40 -2.93 -14.02
C GLN A 241 25.24 -4.18 -13.72
N ARG A 242 25.37 -5.08 -14.70
CA ARG A 242 26.22 -6.26 -14.50
C ARG A 242 27.65 -5.86 -14.18
N LYS A 243 28.17 -4.83 -14.86
CA LYS A 243 29.55 -4.41 -14.63
C LYS A 243 29.71 -3.77 -13.26
N LEU A 244 28.82 -2.86 -12.89
CA LEU A 244 28.93 -2.20 -11.59
C LEU A 244 28.74 -3.17 -10.45
N LEU A 245 27.84 -4.15 -10.63
CA LEU A 245 27.65 -5.17 -9.59
C LEU A 245 28.91 -6.02 -9.43
N LYS A 246 29.52 -6.43 -10.54
CA LYS A 246 30.78 -7.17 -10.45
C LYS A 246 31.84 -6.35 -9.72
N GLU A 247 31.96 -5.06 -10.05
CA GLU A 247 32.92 -4.19 -9.37
C GLU A 247 32.64 -4.15 -7.87
N ALA A 248 31.37 -3.99 -7.49
CA ALA A 248 31.03 -3.92 -6.07
C ALA A 248 31.37 -5.22 -5.35
N GLN A 249 31.04 -6.36 -5.96
CA GLN A 249 31.35 -7.64 -5.35
C GLN A 249 32.85 -7.87 -5.26
N ALA A 250 33.61 -7.37 -6.23
CA ALA A 250 35.07 -7.48 -6.16
C ALA A 250 35.65 -6.65 -5.03
N GLU A 251 35.17 -5.41 -4.87
CA GLU A 251 35.63 -4.57 -3.77
C GLU A 251 35.21 -5.13 -2.42
N HIS A 252 34.07 -5.81 -2.35
CA HIS A 252 33.62 -6.38 -1.10
C HIS A 252 34.55 -7.48 -0.64
N ASN A 253 35.05 -8.29 -1.57
CA ASN A 253 36.01 -9.34 -1.24
C ASN A 253 37.38 -8.76 -0.91
#